data_4LM7
#
_entry.id   4LM7
#
_cell.length_a   81.940
_cell.length_b   81.940
_cell.length_c   42.820
_cell.angle_alpha   90.00
_cell.angle_beta   90.00
_cell.angle_gamma   120.00
#
_symmetry.space_group_name_H-M   'P 65'
#
loop_
_entity.id
_entity.type
_entity.pdbx_description
1 polymer Nucleoprotein
2 non-polymer "URIDINE-5'-MONOPHOSPHATE"
3 water water
#
_entity_poly.entity_id   1
_entity_poly.type   'polypeptide(L)'
_entity_poly.pdbx_seq_one_letter_code
;EFNVVPYYSWFSGITQFQKGKEFEFVEGQGVPIAPGVPATEAKGYWYRHNRRSFKTADGNQRQLLPRWYFYYLGTGPHAK
DQYGTDIDGVYWVASNQADVNTPADIVDRDPSSDEAIPTRFPPGTVLPQGYYIEGS
;
_entity_poly.pdbx_strand_id   A
#
# COMPACT_ATOMS: atom_id res chain seq x y z
N GLU A 1 -11.35 -9.25 6.10
CA GLU A 1 -12.30 -8.77 5.09
C GLU A 1 -12.88 -7.41 5.49
N PHE A 2 -13.81 -6.92 4.68
CA PHE A 2 -14.40 -5.60 4.86
C PHE A 2 -15.92 -5.72 4.93
N ASN A 3 -16.54 -5.07 5.91
CA ASN A 3 -18.00 -4.93 6.01
C ASN A 3 -18.51 -3.66 5.34
N VAL A 4 -17.57 -2.81 4.98
CA VAL A 4 -17.88 -1.65 4.17
C VAL A 4 -16.98 -1.76 2.93
N VAL A 5 -17.53 -1.65 1.73
CA VAL A 5 -16.73 -1.85 0.55
C VAL A 5 -15.57 -0.86 0.56
N PRO A 6 -14.34 -1.38 0.42
CA PRO A 6 -13.14 -0.55 0.37
C PRO A 6 -12.93 0.11 -0.99
N TYR A 7 -12.03 1.08 -1.04
CA TYR A 7 -11.44 1.48 -2.30
C TYR A 7 -10.49 0.37 -2.67
N TYR A 8 -10.51 -0.05 -3.92
CA TYR A 8 -9.71 -1.19 -4.33
C TYR A 8 -8.35 -0.68 -4.79
N SER A 9 -7.33 -1.34 -4.26
CA SER A 9 -5.94 -1.06 -4.56
C SER A 9 -5.59 -1.81 -5.85
N TRP A 10 -4.67 -1.29 -6.65
CA TRP A 10 -4.20 -1.98 -7.86
C TRP A 10 -3.34 -3.22 -7.53
N PHE A 11 -2.92 -3.36 -6.28
CA PHE A 11 -1.89 -4.30 -5.88
C PHE A 11 -2.29 -5.18 -4.73
N SER A 12 -1.57 -6.29 -4.61
CA SER A 12 -1.76 -7.15 -3.44
C SER A 12 -1.22 -6.46 -2.18
N GLY A 13 -1.69 -6.93 -1.02
CA GLY A 13 -1.32 -6.36 0.26
C GLY A 13 0.02 -6.84 0.78
N ILE A 14 0.53 -6.11 1.77
CA ILE A 14 1.70 -6.53 2.50
C ILE A 14 1.27 -6.72 3.97
N THR A 15 1.46 -7.95 4.46
CA THR A 15 0.88 -8.35 5.72
C THR A 15 1.91 -8.45 6.83
N GLN A 16 1.58 -7.89 7.98
CA GLN A 16 2.49 -7.95 9.12
C GLN A 16 2.41 -9.36 9.71
N PHE A 17 3.57 -9.96 9.97
CA PHE A 17 3.58 -11.25 10.67
C PHE A 17 4.44 -11.25 11.93
N GLN A 18 5.40 -10.33 12.04
CA GLN A 18 6.15 -10.17 13.28
C GLN A 18 5.72 -8.94 14.04
N LYS A 19 5.14 -9.15 15.21
CA LYS A 19 4.75 -8.04 16.03
C LYS A 19 5.95 -7.17 16.37
N GLY A 20 5.78 -5.86 16.36
CA GLY A 20 6.82 -4.96 16.82
C GLY A 20 7.74 -4.47 15.73
N LYS A 21 7.45 -4.86 14.49
CA LYS A 21 8.24 -4.41 13.36
C LYS A 21 7.52 -3.25 12.63
N GLU A 22 8.27 -2.20 12.31
CA GLU A 22 7.67 -1.02 11.69
C GLU A 22 7.58 -1.18 10.17
N PHE A 23 6.48 -0.69 9.61
CA PHE A 23 6.29 -0.69 8.16
C PHE A 23 6.96 0.54 7.62
N GLU A 24 7.98 0.35 6.78
CA GLU A 24 8.76 1.47 6.32
C GLU A 24 9.45 1.11 5.02
N PHE A 25 9.78 2.13 4.25
CA PHE A 25 10.66 1.99 3.08
C PHE A 25 11.70 3.10 3.08
N VAL A 26 12.78 2.89 2.35
CA VAL A 26 13.76 3.93 2.16
C VAL A 26 13.16 5.03 1.25
N GLU A 27 13.44 6.30 1.50
CA GLU A 27 12.90 7.39 0.66
C GLU A 27 13.29 7.10 -0.80
N GLY A 28 12.32 7.22 -1.70
CA GLY A 28 12.52 6.90 -3.11
C GLY A 28 12.08 5.50 -3.49
N GLN A 29 11.83 4.66 -2.49
CA GLN A 29 11.45 3.28 -2.70
C GLN A 29 10.01 3.03 -2.17
N GLY A 30 9.47 1.86 -2.48
CA GLY A 30 8.22 1.40 -1.92
C GLY A 30 6.99 1.56 -2.81
N VAL A 31 7.17 1.98 -4.06
CA VAL A 31 6.04 2.00 -4.99
C VAL A 31 6.06 0.73 -5.83
N PRO A 32 4.97 -0.06 -5.76
CA PRO A 32 5.01 -1.37 -6.42
C PRO A 32 4.99 -1.19 -7.92
N ILE A 33 5.47 -2.23 -8.63
CA ILE A 33 5.65 -2.17 -10.05
C ILE A 33 4.41 -2.54 -10.83
N ALA A 34 4.07 -1.64 -11.74
CA ALA A 34 2.92 -1.84 -12.62
C ALA A 34 3.39 -1.53 -14.03
N PRO A 35 3.27 -2.52 -14.94
CA PRO A 35 3.76 -2.42 -16.31
C PRO A 35 3.31 -1.13 -16.96
N GLY A 36 4.31 -0.45 -17.53
CA GLY A 36 4.08 0.74 -18.31
C GLY A 36 3.83 2.01 -17.52
N VAL A 37 3.81 1.91 -16.18
CA VAL A 37 3.60 3.11 -15.37
C VAL A 37 4.87 3.95 -15.38
N PRO A 38 4.78 5.23 -15.75
CA PRO A 38 6.02 6.00 -15.79
C PRO A 38 6.44 6.33 -14.37
N ALA A 39 7.73 6.47 -14.14
CA ALA A 39 8.25 6.80 -12.83
C ALA A 39 7.75 8.16 -12.30
N THR A 40 7.40 9.08 -13.19
CA THR A 40 6.84 10.36 -12.75
C THR A 40 5.50 10.17 -12.04
N GLU A 41 4.83 9.05 -12.31
CA GLU A 41 3.54 8.75 -11.70
C GLU A 41 3.66 7.80 -10.48
N ALA A 42 4.87 7.39 -10.13
CA ALA A 42 5.03 6.43 -9.05
C ALA A 42 5.07 7.16 -7.73
N LYS A 43 3.88 7.47 -7.23
CA LYS A 43 3.74 8.25 -6.01
C LYS A 43 2.42 7.91 -5.34
N GLY A 44 2.40 7.79 -4.02
CA GLY A 44 1.19 7.37 -3.35
C GLY A 44 1.43 7.02 -1.91
N TYR A 45 0.64 6.11 -1.36
CA TYR A 45 0.81 5.76 0.03
C TYR A 45 0.33 4.33 0.24
N TRP A 46 0.91 3.71 1.26
CA TRP A 46 0.39 2.47 1.81
C TRP A 46 -0.57 2.83 2.92
N TYR A 47 -1.70 2.11 2.97
CA TYR A 47 -2.77 2.33 3.91
C TYR A 47 -2.98 1.08 4.77
N ARG A 48 -2.98 1.26 6.09
CA ARG A 48 -3.06 0.14 7.01
C ARG A 48 -4.51 -0.29 7.24
N HIS A 49 -4.78 -1.56 6.96
CA HIS A 49 -6.05 -2.17 7.33
C HIS A 49 -5.88 -2.95 8.64
N ASN A 50 -6.48 -2.43 9.72
CA ASN A 50 -6.49 -3.10 11.00
C ASN A 50 -7.61 -4.13 10.94
N ARG A 51 -7.33 -5.35 11.39
CA ARG A 51 -8.10 -6.52 10.91
C ARG A 51 -9.10 -7.19 11.89
N ARG A 52 -8.88 -7.08 13.21
CA ARG A 52 -9.75 -7.75 14.23
C ARG A 52 -10.22 -9.22 14.03
N SER A 53 -9.95 -10.06 15.02
CA SER A 53 -10.41 -11.46 15.08
C SER A 53 -11.55 -11.61 16.09
N PHE A 54 -12.39 -12.64 15.95
CA PHE A 54 -13.44 -12.87 16.95
C PHE A 54 -12.93 -13.75 18.07
N LYS A 55 -13.52 -13.59 19.24
CA LYS A 55 -13.10 -14.32 20.42
C LYS A 55 -13.55 -15.78 20.32
N THR A 56 -12.63 -16.67 20.70
CA THR A 56 -12.91 -18.11 20.77
C THR A 56 -12.75 -18.58 22.21
N ALA A 57 -12.67 -19.90 22.42
CA ALA A 57 -12.10 -20.47 23.65
C ALA A 57 -10.75 -21.19 23.40
N ASP A 58 -9.92 -20.67 22.50
CA ASP A 58 -8.59 -21.24 22.33
C ASP A 58 -7.53 -20.37 23.02
N GLY A 59 -7.01 -19.39 22.29
CA GLY A 59 -5.99 -18.50 22.82
C GLY A 59 -6.24 -17.09 22.30
N GLN A 63 -4.79 -10.30 17.49
CA GLN A 63 -3.87 -11.37 17.13
C GLN A 63 -3.74 -11.49 15.61
N LEU A 64 -4.61 -10.77 14.88
CA LEU A 64 -4.71 -10.88 13.42
C LEU A 64 -4.01 -9.74 12.66
N LEU A 65 -2.76 -9.48 12.99
CA LEU A 65 -1.95 -8.33 12.51
C LEU A 65 -2.37 -7.59 11.22
N PRO A 66 -1.99 -6.30 11.12
CA PRO A 66 -2.48 -5.46 10.02
C PRO A 66 -1.92 -5.86 8.67
N ARG A 67 -2.67 -5.50 7.64
CA ARG A 67 -2.28 -5.64 6.25
C ARG A 67 -2.31 -4.28 5.56
N TRP A 68 -1.26 -3.96 4.81
CA TRP A 68 -1.21 -2.66 4.16
C TRP A 68 -1.47 -2.78 2.66
N TYR A 69 -2.16 -1.80 2.10
CA TYR A 69 -2.50 -1.70 0.70
C TYR A 69 -2.05 -0.37 0.08
N PHE A 70 -1.60 -0.43 -1.17
CA PHE A 70 -1.11 0.76 -1.87
C PHE A 70 -2.16 1.49 -2.69
N TYR A 71 -2.16 2.81 -2.56
CA TYR A 71 -2.97 3.71 -3.36
C TYR A 71 -2.13 4.78 -4.00
N TYR A 72 -2.33 4.99 -5.29
CA TYR A 72 -1.68 6.11 -5.99
C TYR A 72 -2.13 7.44 -5.36
N LEU A 73 -1.22 8.43 -5.33
CA LEU A 73 -1.52 9.74 -4.80
C LEU A 73 -2.80 10.34 -5.42
N GLY A 74 -3.75 10.74 -4.56
CA GLY A 74 -4.99 11.31 -5.05
C GLY A 74 -6.12 10.32 -5.17
N THR A 75 -5.88 9.09 -4.74
CA THR A 75 -6.88 8.03 -4.80
C THR A 75 -6.99 7.36 -3.45
N GLY A 76 -8.03 6.55 -3.30
CA GLY A 76 -8.22 5.75 -2.11
C GLY A 76 -8.79 6.55 -0.98
N PRO A 77 -8.71 6.00 0.24
CA PRO A 77 -9.31 6.56 1.46
C PRO A 77 -8.63 7.81 1.99
N HIS A 78 -7.39 8.08 1.57
CA HIS A 78 -6.73 9.33 1.91
C HIS A 78 -6.38 10.12 0.64
N ALA A 79 -7.32 10.11 -0.32
CA ALA A 79 -7.16 10.82 -1.58
C ALA A 79 -6.94 12.31 -1.43
N LYS A 80 -7.44 12.90 -0.35
CA LYS A 80 -7.40 14.37 -0.22
C LYS A 80 -6.22 14.85 0.61
N ASP A 81 -5.48 13.92 1.20
CA ASP A 81 -4.43 14.31 2.12
C ASP A 81 -3.15 14.65 1.39
N GLN A 82 -2.38 15.56 1.98
CA GLN A 82 -1.13 16.02 1.37
C GLN A 82 -0.01 15.01 1.55
N TYR A 83 0.67 14.72 0.43
CA TYR A 83 1.84 13.86 0.49
C TYR A 83 2.79 14.23 1.66
N GLY A 84 3.13 13.24 2.47
CA GLY A 84 4.14 13.34 3.50
C GLY A 84 3.64 13.73 4.89
N THR A 85 2.35 13.99 4.96
CA THR A 85 1.69 14.38 6.19
C THR A 85 1.45 13.27 7.17
N ASP A 86 1.99 13.46 8.35
CA ASP A 86 1.77 12.51 9.37
C ASP A 86 0.25 12.22 9.39
N ILE A 87 -0.03 10.92 9.30
CA ILE A 87 -1.38 10.39 9.41
C ILE A 87 -1.26 8.97 9.85
N ASP A 88 -2.03 8.64 10.88
CA ASP A 88 -1.84 7.37 11.51
C ASP A 88 -2.37 6.36 10.52
N GLY A 89 -1.57 5.34 10.19
CA GLY A 89 -2.03 4.31 9.28
C GLY A 89 -1.73 4.62 7.83
N VAL A 90 -0.92 5.65 7.59
CA VAL A 90 -0.66 6.08 6.23
C VAL A 90 0.86 6.19 6.07
N TYR A 91 1.41 5.55 5.04
CA TYR A 91 2.86 5.56 4.85
C TYR A 91 3.15 6.02 3.41
N TRP A 92 3.64 7.25 3.26
CA TRP A 92 3.81 7.84 1.93
C TRP A 92 5.11 7.31 1.24
N VAL A 93 5.02 7.06 -0.06
CA VAL A 93 6.13 6.58 -0.86
C VAL A 93 6.11 7.23 -2.23
N ALA A 94 7.30 7.47 -2.82
CA ALA A 94 7.34 8.09 -4.14
C ALA A 94 8.74 7.90 -4.74
N SER A 95 8.76 7.57 -6.02
CA SER A 95 9.98 7.62 -6.82
C SER A 95 10.57 9.01 -6.76
N ASN A 96 11.90 9.11 -6.85
CA ASN A 96 12.52 10.42 -6.89
C ASN A 96 12.18 11.19 -8.15
N GLN A 97 11.50 10.51 -9.08
CA GLN A 97 11.08 11.15 -10.33
C GLN A 97 9.72 11.84 -10.20
N ALA A 98 9.06 11.65 -9.07
CA ALA A 98 7.69 12.08 -8.97
C ALA A 98 7.54 13.43 -8.30
N ASP A 99 6.62 14.23 -8.84
CA ASP A 99 6.19 15.48 -8.22
C ASP A 99 4.91 15.25 -7.41
N VAL A 100 5.10 15.28 -6.09
CA VAL A 100 4.06 14.88 -5.13
C VAL A 100 3.07 16.01 -4.82
N ASN A 101 3.19 17.14 -5.54
CA ASN A 101 2.17 18.20 -5.47
C ASN A 101 1.01 17.91 -6.36
N THR A 102 1.17 16.87 -7.17
CA THR A 102 0.21 16.54 -8.18
C THR A 102 -0.30 15.13 -8.03
N PRO A 103 -1.62 14.92 -8.15
CA PRO A 103 -2.17 13.56 -8.15
C PRO A 103 -1.61 12.74 -9.28
N ALA A 104 -1.47 11.44 -9.07
CA ALA A 104 -1.04 10.54 -10.13
C ALA A 104 -2.16 10.45 -11.14
N ASP A 105 -1.81 10.20 -12.40
CA ASP A 105 -2.80 9.99 -13.42
C ASP A 105 -3.02 8.50 -13.50
N ILE A 106 -4.01 8.08 -12.71
CA ILE A 106 -4.40 6.70 -12.69
C ILE A 106 -5.70 6.47 -12.01
N VAL A 107 -6.67 6.07 -12.81
CA VAL A 107 -7.99 5.85 -12.31
C VAL A 107 -7.91 4.56 -11.56
N ASP A 108 -8.78 4.44 -10.57
CA ASP A 108 -8.82 3.28 -9.71
C ASP A 108 -9.04 2.01 -10.50
N ARG A 109 -8.99 0.90 -9.76
CA ARG A 109 -9.11 -0.42 -10.36
C ARG A 109 -10.55 -0.87 -10.25
N ASP A 110 -11.10 -1.29 -11.38
CA ASP A 110 -12.43 -1.85 -11.42
C ASP A 110 -12.28 -3.38 -11.38
N PRO A 111 -12.54 -3.99 -10.20
CA PRO A 111 -12.20 -5.34 -9.75
C PRO A 111 -12.86 -6.52 -10.46
N SER A 112 -13.61 -6.31 -11.52
CA SER A 112 -13.92 -7.45 -12.39
C SER A 112 -13.72 -7.11 -13.83
N SER A 113 -12.94 -6.06 -14.07
CA SER A 113 -12.33 -5.82 -15.37
C SER A 113 -10.82 -6.05 -15.24
N ASP A 114 -10.33 -6.12 -14.00
CA ASP A 114 -8.89 -6.31 -13.74
C ASP A 114 -8.62 -6.81 -12.31
N GLU A 115 -7.78 -7.84 -12.19
CA GLU A 115 -7.41 -8.43 -10.90
C GLU A 115 -6.25 -7.62 -10.28
N ALA A 116 -5.98 -7.79 -8.98
CA ALA A 116 -4.82 -7.09 -8.35
C ALA A 116 -3.54 -7.57 -8.96
N ILE A 117 -2.62 -6.64 -9.18
CA ILE A 117 -1.25 -6.99 -9.53
C ILE A 117 -0.49 -7.45 -8.27
N PRO A 118 0.13 -8.63 -8.31
CA PRO A 118 1.02 -9.08 -7.26
C PRO A 118 2.10 -8.04 -6.99
N THR A 119 2.23 -7.67 -5.72
CA THR A 119 3.16 -6.67 -5.32
C THR A 119 4.61 -7.15 -5.36
N ARG A 120 5.38 -6.34 -6.09
CA ARG A 120 6.83 -6.54 -6.37
C ARG A 120 7.54 -5.19 -6.44
N PHE A 121 8.80 -5.16 -6.01
CA PHE A 121 9.67 -3.96 -5.95
C PHE A 121 10.88 -4.17 -6.86
N PRO A 122 11.43 -3.08 -7.38
CA PRO A 122 12.64 -3.17 -8.22
C PRO A 122 13.85 -3.64 -7.41
N PRO A 123 14.80 -4.30 -8.10
CA PRO A 123 16.07 -4.66 -7.48
C PRO A 123 16.66 -3.50 -6.71
N GLY A 124 17.23 -3.76 -5.52
CA GLY A 124 17.73 -2.73 -4.67
C GLY A 124 16.77 -2.26 -3.56
N THR A 125 15.51 -2.63 -3.68
CA THR A 125 14.49 -2.16 -2.73
C THR A 125 14.72 -2.84 -1.38
N VAL A 126 14.85 -2.04 -0.33
CA VAL A 126 15.04 -2.51 1.03
C VAL A 126 13.64 -2.98 1.49
N LEU A 127 13.49 -4.26 1.80
CA LEU A 127 12.17 -4.80 2.19
C LEU A 127 12.00 -4.70 3.70
N PRO A 128 10.80 -4.31 4.15
CA PRO A 128 10.57 -4.18 5.59
C PRO A 128 10.50 -5.56 6.23
N GLN A 129 11.39 -5.80 7.18
CA GLN A 129 11.45 -7.07 7.85
C GLN A 129 10.19 -7.22 8.69
N GLY A 130 9.65 -8.43 8.75
CA GLY A 130 8.52 -8.71 9.61
C GLY A 130 7.21 -8.57 8.85
N TYR A 131 7.33 -8.38 7.54
CA TYR A 131 6.17 -8.20 6.68
C TYR A 131 6.27 -9.16 5.53
N TYR A 132 5.12 -9.71 5.13
CA TYR A 132 5.02 -10.65 4.01
C TYR A 132 4.26 -10.04 2.83
N ILE A 133 4.86 -10.00 1.63
CA ILE A 133 4.15 -9.48 0.43
C ILE A 133 3.29 -10.59 -0.13
N GLU A 134 1.99 -10.35 -0.10
CA GLU A 134 1.04 -11.31 -0.60
C GLU A 134 1.32 -11.53 -2.08
N GLY A 135 1.17 -12.78 -2.50
CA GLY A 135 1.44 -13.17 -3.86
C GLY A 135 2.83 -13.75 -4.05
N SER A 136 3.71 -13.52 -3.07
CA SER A 136 5.11 -13.90 -3.24
C SER A 136 5.36 -15.29 -2.68
#